data_5XPR
#
_entry.id   5XPR
#
_cell.length_a   74.720
_cell.length_b   74.720
_cell.length_c   218.870
_cell.angle_alpha   90.000
_cell.angle_beta   90.000
_cell.angle_gamma   120.000
#
_symmetry.space_group_name_H-M   'P 32 2 1'
#
loop_
_entity.id
_entity.type
_entity.pdbx_description
1 polymer 'Endothelin B receptor,Endolysin,Endothelin B receptor'
2 non-polymer 4-tert-butyl-N-[6-(2-hydroxyethyloxy)-5-(2-methoxyphenoxy)-2-pyrimidin-2-yl-pyrimidin-4-yl]benzenesulfonamide
3 non-polymer 'SULFATE ION'
#
_entity_poly.entity_id   1
_entity_poly.type   'polypeptide(L)'
_entity_poly.pdbx_seq_one_letter_code
;GGGLAPAEVPKGDRTAGSPPRTISPPPCQGPIEIKETFKYINTVVSCLVFVLGIIGNSTLLYIIYKNKCMRNGPNILIAS
LALGDLLHIVIDIPINVYKLLAEDWPFGAEMCKLVPFIQKASVGITVLSLCALSIDRYRAVASWSRIKGIGVPKWTAVEI
VLIWVVSVVLAVPEAIGFDIITMDYKGSYLRICLLHPVQKTAFMQFYATAKDWWLFSFYFCLPLAITAFFYTLMTCEMLR
KNIFEMLRIDEGGGSGGDEAEKLFNQDVDAAVRGILRNAKLKPVYDSLDAVRRAALINMVFQMGETGVAGFTNSLRMLQQ
KRWDEAAVNLAKSRWYNQTPNRAKRVITTFRTGTWDAYLNDHLKQRREVAKTVFCLVLVFALCWLPLHLARILKLTLYNQ
NDPNRCELLSFLLVLDYIGINMASLNSCANPIALYLVSKRFKNAFKSALCCWAQSPSSENLYFQ
;
_entity_poly.pdbx_strand_id   A
#
# COMPACT_ATOMS: atom_id res chain seq x y z
N CYS A 28 12.79 38.01 -2.49
CA CYS A 28 12.53 38.49 -3.84
C CYS A 28 11.02 38.53 -4.14
N GLN A 29 10.68 38.60 -5.43
CA GLN A 29 9.29 38.60 -5.88
C GLN A 29 9.04 37.56 -6.97
N GLY A 30 9.85 36.49 -7.01
CA GLY A 30 9.78 35.50 -8.06
C GLY A 30 8.72 34.44 -7.89
N PRO A 31 8.71 33.73 -6.74
CA PRO A 31 7.76 32.63 -6.56
C PRO A 31 6.29 33.03 -6.63
N ILE A 32 5.98 34.33 -6.69
CA ILE A 32 4.60 34.77 -6.82
C ILE A 32 4.00 34.23 -8.13
N GLU A 33 4.76 34.33 -9.22
CA GLU A 33 4.28 33.80 -10.49
C GLU A 33 4.08 32.30 -10.43
N ILE A 34 4.87 31.61 -9.61
CA ILE A 34 4.72 30.16 -9.48
C ILE A 34 3.40 29.81 -8.81
N LYS A 35 3.05 30.53 -7.73
CA LYS A 35 1.78 30.30 -7.06
C LYS A 35 0.60 30.59 -7.98
N GLU A 36 0.65 31.71 -8.70
CA GLU A 36 -0.47 32.08 -9.57
C GLU A 36 -0.60 31.12 -10.75
N THR A 37 0.53 30.66 -11.30
CA THR A 37 0.47 29.68 -12.37
C THR A 37 -0.05 28.33 -11.86
N PHE A 38 0.38 27.94 -10.66
CA PHE A 38 -0.08 26.68 -10.09
C PHE A 38 -1.55 26.68 -9.75
N LYS A 39 -2.16 27.85 -9.60
CA LYS A 39 -3.62 27.92 -9.42
C LYS A 39 -4.33 27.26 -10.59
N TYR A 40 -3.72 27.29 -11.78
CA TYR A 40 -4.30 26.60 -12.93
C TYR A 40 -4.21 25.09 -12.75
N ILE A 41 -3.13 24.59 -12.13
CA ILE A 41 -2.96 23.14 -12.02
C ILE A 41 -3.87 22.59 -10.93
N ASN A 42 -3.97 23.26 -9.79
CA ASN A 42 -4.76 22.74 -8.68
C ASN A 42 -6.23 22.68 -9.04
N THR A 43 -6.75 23.70 -9.73
CA THR A 43 -8.16 23.66 -10.09
C THR A 43 -8.44 22.55 -11.10
N VAL A 44 -7.47 22.23 -11.95
CA VAL A 44 -7.65 21.13 -12.91
C VAL A 44 -7.59 19.79 -12.21
N VAL A 45 -6.60 19.62 -11.33
CA VAL A 45 -6.45 18.36 -10.61
C VAL A 45 -7.64 18.12 -9.69
N SER A 46 -8.01 19.13 -8.90
CA SER A 46 -9.09 18.96 -7.93
C SER A 46 -10.39 18.56 -8.62
N CYS A 47 -10.65 19.11 -9.81
CA CYS A 47 -11.89 18.79 -10.51
C CYS A 47 -11.84 17.38 -11.10
N LEU A 48 -10.70 17.02 -11.71
CA LEU A 48 -10.51 15.63 -12.11
C LEU A 48 -10.62 14.71 -10.90
N VAL A 49 -9.86 15.00 -9.84
CA VAL A 49 -9.90 14.18 -8.63
C VAL A 49 -11.31 14.08 -8.10
N PHE A 50 -12.06 15.19 -8.13
CA PHE A 50 -13.42 15.17 -7.63
C PHE A 50 -14.29 14.20 -8.42
N VAL A 51 -14.33 14.38 -9.74
CA VAL A 51 -15.21 13.54 -10.57
C VAL A 51 -14.77 12.08 -10.51
N LEU A 52 -13.47 11.83 -10.72
CA LEU A 52 -12.98 10.47 -10.65
C LEU A 52 -13.08 9.91 -9.23
N GLY A 53 -12.90 10.77 -8.22
CA GLY A 53 -12.96 10.28 -6.86
C GLY A 53 -14.36 9.82 -6.46
N ILE A 54 -15.37 10.65 -6.74
CA ILE A 54 -16.72 10.31 -6.30
C ILE A 54 -17.24 9.10 -7.07
N ILE A 55 -16.89 8.99 -8.36
CA ILE A 55 -17.40 7.89 -9.17
C ILE A 55 -16.69 6.58 -8.80
N GLY A 56 -15.37 6.63 -8.64
CA GLY A 56 -14.63 5.42 -8.35
C GLY A 56 -14.98 4.81 -7.01
N ASN A 57 -15.04 5.64 -5.97
CA ASN A 57 -15.32 5.12 -4.63
C ASN A 57 -16.79 4.69 -4.50
N SER A 58 -17.70 5.39 -5.17
CA SER A 58 -19.10 4.97 -5.16
C SER A 58 -19.26 3.60 -5.82
N THR A 59 -18.66 3.42 -6.99
CA THR A 59 -18.64 2.12 -7.64
C THR A 59 -18.08 1.06 -6.71
N LEU A 60 -16.88 1.29 -6.18
CA LEU A 60 -16.27 0.38 -5.23
C LEU A 60 -17.18 0.12 -4.04
N LEU A 61 -17.82 1.17 -3.52
CA LEU A 61 -18.69 1.00 -2.35
C LEU A 61 -19.93 0.17 -2.69
N TYR A 62 -20.52 0.40 -3.87
CA TYR A 62 -21.67 -0.39 -4.29
C TYR A 62 -21.28 -1.83 -4.54
N ILE A 63 -20.06 -2.06 -5.02
CA ILE A 63 -19.61 -3.42 -5.33
C ILE A 63 -19.47 -4.25 -4.05
N ILE A 64 -18.88 -3.67 -3.01
CA ILE A 64 -18.61 -4.43 -1.79
C ILE A 64 -19.93 -4.84 -1.12
N TYR A 65 -20.92 -3.95 -1.13
CA TYR A 65 -22.18 -4.24 -0.47
C TYR A 65 -23.12 -5.09 -1.32
N LYS A 66 -22.96 -5.06 -2.64
CA LYS A 66 -23.73 -5.95 -3.50
C LYS A 66 -23.28 -7.40 -3.32
N ASN A 67 -21.97 -7.63 -3.27
CA ASN A 67 -21.44 -8.96 -3.07
C ASN A 67 -21.59 -9.37 -1.60
N LYS A 68 -22.02 -10.61 -1.37
CA LYS A 68 -22.24 -11.09 -0.01
C LYS A 68 -20.95 -11.62 0.60
N CYS A 69 -20.09 -12.25 -0.21
CA CYS A 69 -18.83 -12.79 0.32
C CYS A 69 -17.92 -11.67 0.80
N MET A 70 -17.86 -10.57 0.05
CA MET A 70 -17.03 -9.44 0.48
C MET A 70 -17.66 -8.67 1.62
N ARG A 71 -19.00 -8.66 1.71
CA ARG A 71 -19.65 -8.05 2.87
C ARG A 71 -19.24 -8.77 4.15
N ASN A 72 -19.09 -10.11 4.08
CA ASN A 72 -18.60 -10.85 5.23
C ASN A 72 -17.08 -10.86 5.28
N GLY A 73 -16.43 -10.99 4.12
CA GLY A 73 -14.98 -11.04 4.04
C GLY A 73 -14.32 -9.74 4.48
N PRO A 74 -13.02 -9.80 4.79
CA PRO A 74 -12.31 -8.58 5.24
C PRO A 74 -12.28 -7.45 4.22
N ASN A 75 -12.77 -7.66 2.99
CA ASN A 75 -12.82 -6.58 2.02
C ASN A 75 -13.82 -5.50 2.40
N ILE A 76 -14.61 -5.72 3.45
CA ILE A 76 -15.45 -4.65 3.99
C ILE A 76 -14.57 -3.52 4.49
N LEU A 77 -13.36 -3.84 4.94
CA LEU A 77 -12.40 -2.79 5.28
C LEU A 77 -12.11 -1.90 4.08
N ILE A 78 -12.07 -2.49 2.89
CA ILE A 78 -11.88 -1.70 1.67
C ILE A 78 -13.10 -0.82 1.43
N ALA A 79 -14.30 -1.32 1.77
CA ALA A 79 -15.49 -0.46 1.73
C ALA A 79 -15.35 0.70 2.70
N SER A 80 -14.73 0.45 3.85
CA SER A 80 -14.45 1.54 4.79
C SER A 80 -13.44 2.52 4.20
N LEU A 81 -12.37 2.00 3.61
CA LEU A 81 -11.39 2.87 2.96
C LEU A 81 -12.03 3.69 1.86
N ALA A 82 -12.95 3.09 1.10
CA ALA A 82 -13.68 3.85 0.09
C ALA A 82 -14.48 4.98 0.73
N LEU A 83 -14.93 4.81 1.96
CA LEU A 83 -15.63 5.89 2.66
C LEU A 83 -14.66 6.98 3.10
N GLY A 84 -13.50 6.59 3.65
CA GLY A 84 -12.51 7.59 4.02
C GLY A 84 -12.00 8.37 2.82
N ASP A 85 -11.80 7.68 1.70
CA ASP A 85 -11.43 8.35 0.46
C ASP A 85 -12.55 9.28 -0.01
N LEU A 86 -13.76 8.73 -0.16
CA LEU A 86 -14.90 9.52 -0.62
C LEU A 86 -15.15 10.71 0.28
N LEU A 87 -15.02 10.52 1.60
CA LEU A 87 -15.21 11.63 2.52
C LEU A 87 -14.05 12.62 2.41
N HIS A 88 -12.84 12.12 2.19
CA HIS A 88 -11.72 13.02 1.91
C HIS A 88 -12.02 13.87 0.69
N ILE A 89 -12.68 13.31 -0.31
CA ILE A 89 -12.94 14.04 -1.56
C ILE A 89 -13.90 15.19 -1.32
N VAL A 90 -14.96 14.93 -0.54
CA VAL A 90 -16.02 15.92 -0.37
C VAL A 90 -15.69 16.96 0.70
N ILE A 91 -14.64 16.74 1.50
CA ILE A 91 -14.17 17.82 2.37
C ILE A 91 -13.02 18.58 1.71
N ASP A 92 -12.13 17.87 1.01
CA ASP A 92 -10.96 18.49 0.40
C ASP A 92 -11.37 19.38 -0.77
N ILE A 93 -12.08 18.81 -1.74
CA ILE A 93 -12.36 19.53 -2.98
C ILE A 93 -13.32 20.69 -2.71
N PRO A 94 -14.52 20.49 -2.14
CA PRO A 94 -15.43 21.62 -1.99
C PRO A 94 -14.89 22.77 -1.15
N ILE A 95 -14.50 22.49 0.09
CA ILE A 95 -14.21 23.59 1.01
C ILE A 95 -12.86 24.22 0.71
N ASN A 96 -11.82 23.39 0.57
CA ASN A 96 -10.47 23.94 0.48
C ASN A 96 -10.20 24.57 -0.89
N VAL A 97 -10.71 23.97 -1.97
CA VAL A 97 -10.54 24.58 -3.28
C VAL A 97 -11.31 25.91 -3.35
N TYR A 98 -12.40 26.03 -2.59
CA TYR A 98 -13.09 27.31 -2.52
C TYR A 98 -12.21 28.39 -1.92
N LYS A 99 -11.25 28.00 -1.07
CA LYS A 99 -10.41 28.98 -0.40
C LYS A 99 -9.22 29.42 -1.24
N LEU A 100 -8.84 28.65 -2.26
CA LEU A 100 -7.83 29.14 -3.18
C LEU A 100 -8.39 30.23 -4.09
N LEU A 101 -9.67 30.12 -4.45
CA LEU A 101 -10.31 31.11 -5.30
C LEU A 101 -10.71 32.34 -4.50
N ALA A 102 -11.39 32.14 -3.38
CA ALA A 102 -11.78 33.24 -2.51
C ALA A 102 -10.68 33.51 -1.50
N GLU A 103 -10.21 34.76 -1.46
CA GLU A 103 -9.06 35.08 -0.61
C GLU A 103 -9.46 35.24 0.85
N ASP A 104 -10.70 35.64 1.13
CA ASP A 104 -11.20 35.70 2.50
C ASP A 104 -11.89 34.39 2.85
N TRP A 105 -11.61 33.88 4.04
CA TRP A 105 -12.30 32.69 4.53
C TRP A 105 -13.77 33.03 4.78
N PRO A 106 -14.71 32.30 4.16
CA PRO A 106 -16.11 32.73 4.20
C PRO A 106 -17.10 31.76 4.83
N PHE A 107 -16.63 30.70 5.50
CA PHE A 107 -17.55 29.66 5.96
C PHE A 107 -18.01 29.85 7.40
N GLY A 108 -17.30 30.62 8.20
CA GLY A 108 -17.65 30.82 9.60
C GLY A 108 -16.61 30.22 10.53
N ALA A 109 -16.87 30.38 11.83
CA ALA A 109 -15.89 29.97 12.83
C ALA A 109 -15.90 28.46 13.04
N GLU A 110 -17.08 27.87 13.22
CA GLU A 110 -17.16 26.44 13.48
C GLU A 110 -16.57 25.63 12.33
N MET A 111 -16.76 26.10 11.09
CA MET A 111 -16.31 25.34 9.93
C MET A 111 -14.80 25.18 9.91
N CYS A 112 -14.06 26.22 10.31
CA CYS A 112 -12.61 26.10 10.28
C CYS A 112 -12.07 25.19 11.36
N LYS A 113 -12.82 24.99 12.45
CA LYS A 113 -12.48 23.89 13.35
C LYS A 113 -12.83 22.55 12.72
N LEU A 114 -13.84 22.53 11.86
CA LEU A 114 -14.40 21.28 11.38
C LEU A 114 -13.61 20.74 10.20
N VAL A 115 -13.20 21.61 9.28
CA VAL A 115 -12.65 21.13 8.00
C VAL A 115 -11.34 20.37 8.20
N PRO A 116 -10.32 20.91 8.87
CA PRO A 116 -9.10 20.10 9.09
C PRO A 116 -9.35 18.90 9.97
N PHE A 117 -10.24 19.03 10.95
CA PHE A 117 -10.73 17.86 11.69
C PHE A 117 -11.21 16.78 10.73
N ILE A 118 -12.14 17.13 9.85
CA ILE A 118 -12.70 16.15 8.91
C ILE A 118 -11.61 15.59 8.02
N GLN A 119 -10.75 16.47 7.50
CA GLN A 119 -9.72 16.03 6.56
C GLN A 119 -8.66 15.18 7.26
N LYS A 120 -8.27 15.55 8.49
CA LYS A 120 -7.28 14.76 9.20
C LYS A 120 -7.84 13.41 9.62
N ALA A 121 -9.08 13.39 10.11
CA ALA A 121 -9.73 12.14 10.43
C ALA A 121 -9.91 11.28 9.18
N SER A 122 -10.20 11.92 8.05
CA SER A 122 -10.43 11.17 6.82
C SER A 122 -9.15 10.45 6.38
N VAL A 123 -8.03 11.17 6.34
CA VAL A 123 -6.77 10.53 5.99
C VAL A 123 -6.46 9.41 7.00
N GLY A 124 -6.74 9.66 8.28
CA GLY A 124 -6.55 8.64 9.28
C GLY A 124 -7.34 7.38 8.98
N ILE A 125 -8.55 7.52 8.43
CA ILE A 125 -9.33 6.35 8.07
C ILE A 125 -8.64 5.58 6.97
N THR A 126 -8.17 6.28 5.94
CA THR A 126 -7.57 5.61 4.79
C THR A 126 -6.34 4.80 5.19
N VAL A 127 -5.47 5.37 6.03
CA VAL A 127 -4.28 4.64 6.47
C VAL A 127 -4.68 3.49 7.37
N LEU A 128 -5.61 3.72 8.29
CA LEU A 128 -5.95 2.70 9.27
C LEU A 128 -6.75 1.57 8.64
N SER A 129 -7.51 1.85 7.59
CA SER A 129 -8.19 0.78 6.86
C SER A 129 -7.18 -0.12 6.15
N LEU A 130 -6.08 0.45 5.65
CA LEU A 130 -5.02 -0.36 5.06
C LEU A 130 -4.38 -1.28 6.10
N CYS A 131 -4.05 -0.74 7.27
CA CYS A 131 -3.37 -1.53 8.28
C CYS A 131 -4.22 -2.71 8.74
N ALA A 132 -5.47 -2.43 9.14
CA ALA A 132 -6.35 -3.50 9.59
C ALA A 132 -6.61 -4.52 8.49
N LEU A 133 -6.56 -4.08 7.22
CA LEU A 133 -6.71 -5.03 6.12
C LEU A 133 -5.58 -6.04 6.10
N SER A 134 -4.33 -5.56 6.12
CA SER A 134 -3.20 -6.47 6.07
C SER A 134 -3.11 -7.33 7.32
N ILE A 135 -3.49 -6.79 8.48
CA ILE A 135 -3.45 -7.58 9.70
C ILE A 135 -4.49 -8.68 9.65
N ASP A 136 -5.70 -8.36 9.17
CA ASP A 136 -6.73 -9.38 9.02
C ASP A 136 -6.37 -10.38 7.94
N ARG A 137 -5.62 -9.97 6.93
CA ARG A 137 -5.17 -10.89 5.91
C ARG A 137 -4.12 -11.84 6.48
N TYR A 138 -3.24 -11.33 7.34
CA TYR A 138 -2.26 -12.20 7.97
C TYR A 138 -2.89 -13.07 9.06
N ARG A 139 -3.89 -12.52 9.76
CA ARG A 139 -4.63 -13.32 10.73
C ARG A 139 -5.31 -14.50 10.05
N ALA A 140 -5.79 -14.29 8.82
CA ALA A 140 -6.49 -15.35 8.09
C ALA A 140 -6.44 -15.01 6.61
N VAL A 141 -5.86 -15.90 5.81
CA VAL A 141 -5.64 -15.61 4.39
C VAL A 141 -6.94 -15.69 3.61
N ALA A 142 -7.74 -16.73 3.86
CA ALA A 142 -9.01 -16.91 3.16
C ALA A 142 -9.99 -17.57 4.13
N SER A 143 -11.09 -18.11 3.58
CA SER A 143 -12.12 -18.68 4.44
C SER A 143 -11.70 -20.02 5.04
N TRP A 144 -10.91 -20.79 4.30
CA TRP A 144 -10.44 -22.07 4.82
C TRP A 144 -9.33 -21.91 5.86
N SER A 145 -8.79 -20.71 6.02
CA SER A 145 -7.68 -20.49 6.93
C SER A 145 -8.14 -20.55 8.38
N ARG A 146 -7.17 -20.70 9.28
CA ARG A 146 -7.40 -20.64 10.72
C ARG A 146 -6.86 -19.32 11.24
N ILE A 147 -7.69 -18.60 12.01
CA ILE A 147 -7.27 -17.31 12.55
C ILE A 147 -6.05 -17.51 13.45
N LYS A 148 -5.09 -16.59 13.33
CA LYS A 148 -3.82 -16.73 14.02
C LYS A 148 -3.98 -16.66 15.54
N GLY A 149 -4.37 -15.51 16.05
CA GLY A 149 -4.46 -15.32 17.49
C GLY A 149 -5.74 -14.63 17.89
N ILE A 150 -6.26 -15.03 19.04
CA ILE A 150 -7.38 -14.38 19.70
C ILE A 150 -8.55 -14.19 18.75
N GLY A 151 -9.07 -15.30 18.22
CA GLY A 151 -10.18 -15.21 17.29
C GLY A 151 -11.43 -14.66 17.98
N VAL A 152 -12.02 -13.62 17.40
CA VAL A 152 -13.20 -12.98 17.96
C VAL A 152 -14.24 -12.84 16.86
N PRO A 153 -15.51 -13.22 17.10
CA PRO A 153 -16.47 -13.25 16.00
C PRO A 153 -16.82 -11.86 15.49
N LYS A 154 -17.02 -11.77 14.18
CA LYS A 154 -17.36 -10.52 13.49
C LYS A 154 -16.38 -9.42 13.87
N TRP A 155 -15.10 -9.72 13.64
CA TRP A 155 -14.03 -8.76 13.93
C TRP A 155 -14.14 -7.53 13.03
N THR A 156 -14.51 -7.74 11.77
CA THR A 156 -14.54 -6.65 10.80
C THR A 156 -15.41 -5.50 11.28
N ALA A 157 -16.56 -5.81 11.89
CA ALA A 157 -17.40 -4.74 12.44
C ALA A 157 -16.71 -4.05 13.61
N VAL A 158 -16.04 -4.82 14.47
CA VAL A 158 -15.31 -4.24 15.59
C VAL A 158 -14.16 -3.37 15.09
N GLU A 159 -13.46 -3.84 14.05
CA GLU A 159 -12.30 -3.10 13.56
C GLU A 159 -12.69 -1.82 12.84
N ILE A 160 -13.80 -1.84 12.11
CA ILE A 160 -14.27 -0.61 11.47
C ILE A 160 -14.60 0.45 12.51
N VAL A 161 -15.20 0.05 13.63
CA VAL A 161 -15.56 1.00 14.68
C VAL A 161 -14.29 1.62 15.28
N LEU A 162 -13.28 0.79 15.54
CA LEU A 162 -12.06 1.30 16.15
C LEU A 162 -11.30 2.23 15.20
N ILE A 163 -11.34 1.94 13.91
CA ILE A 163 -10.59 2.73 12.93
C ILE A 163 -11.10 4.16 12.90
N TRP A 164 -12.43 4.32 12.86
CA TRP A 164 -13.00 5.65 12.71
C TRP A 164 -12.86 6.47 13.98
N VAL A 165 -12.91 5.82 15.15
CA VAL A 165 -12.78 6.54 16.41
C VAL A 165 -11.38 7.10 16.56
N VAL A 166 -10.37 6.25 16.37
CA VAL A 166 -8.98 6.72 16.47
C VAL A 166 -8.71 7.81 15.43
N SER A 167 -9.23 7.63 14.21
CA SER A 167 -9.08 8.66 13.19
C SER A 167 -9.70 9.98 13.65
N VAL A 168 -10.83 9.91 14.35
CA VAL A 168 -11.43 11.11 14.91
C VAL A 168 -10.56 11.67 16.04
N VAL A 169 -9.96 10.79 16.85
CA VAL A 169 -9.14 11.23 17.96
C VAL A 169 -7.91 11.99 17.46
N LEU A 170 -7.22 11.41 16.48
CA LEU A 170 -5.99 12.04 15.98
C LEU A 170 -6.25 13.40 15.33
N ALA A 171 -7.49 13.65 14.92
CA ALA A 171 -7.85 14.89 14.26
C ALA A 171 -8.43 15.93 15.20
N VAL A 172 -8.79 15.54 16.44
CA VAL A 172 -9.26 16.53 17.42
C VAL A 172 -8.22 17.60 17.69
N PRO A 173 -6.92 17.29 17.82
CA PRO A 173 -5.94 18.38 17.99
C PRO A 173 -6.03 19.47 16.93
N GLU A 174 -6.31 19.10 15.67
CA GLU A 174 -6.59 20.11 14.66
C GLU A 174 -7.81 20.95 15.05
N ALA A 175 -8.93 20.27 15.35
CA ALA A 175 -10.19 20.97 15.55
C ALA A 175 -10.14 21.92 16.74
N ILE A 176 -9.51 21.49 17.85
CA ILE A 176 -9.54 22.30 19.06
C ILE A 176 -8.73 23.58 18.87
N GLY A 177 -7.56 23.47 18.23
CA GLY A 177 -6.67 24.62 18.09
C GLY A 177 -6.97 25.56 16.94
N PHE A 178 -7.86 25.19 16.03
CA PHE A 178 -8.11 25.97 14.82
C PHE A 178 -9.09 27.09 15.13
N ASP A 179 -8.59 28.32 15.21
CA ASP A 179 -9.40 29.52 15.21
C ASP A 179 -8.97 30.41 14.04
N ILE A 180 -9.76 31.46 13.79
CA ILE A 180 -9.54 32.34 12.65
C ILE A 180 -8.93 33.64 13.16
N ILE A 181 -8.12 34.27 12.30
CA ILE A 181 -7.44 35.52 12.62
C ILE A 181 -7.76 36.52 11.51
N THR A 182 -7.89 37.79 11.89
CA THR A 182 -8.15 38.87 10.94
C THR A 182 -6.86 39.61 10.64
N MET A 183 -6.55 39.77 9.36
CA MET A 183 -5.43 40.58 8.90
C MET A 183 -5.96 41.68 8.00
N ASP A 184 -5.20 42.77 7.90
CA ASP A 184 -5.51 43.87 7.01
C ASP A 184 -4.38 43.98 5.99
N TYR A 185 -4.63 43.49 4.78
CA TYR A 185 -3.58 43.27 3.80
C TYR A 185 -3.18 44.57 3.12
N LYS A 186 -2.22 44.46 2.19
CA LYS A 186 -1.72 45.63 1.46
C LYS A 186 -2.83 46.26 0.62
N GLY A 187 -3.68 45.43 0.01
CA GLY A 187 -4.85 45.94 -0.67
C GLY A 187 -6.01 46.06 0.30
N SER A 188 -7.16 45.53 -0.06
CA SER A 188 -8.28 45.51 0.88
C SER A 188 -7.98 44.54 2.02
N TYR A 189 -8.70 44.74 3.13
CA TYR A 189 -8.53 43.88 4.29
C TYR A 189 -9.16 42.50 4.04
N LEU A 190 -8.65 41.50 4.75
CA LEU A 190 -9.08 40.12 4.52
C LEU A 190 -8.80 39.27 5.74
N ARG A 191 -9.83 38.57 6.22
CA ARG A 191 -9.69 37.62 7.31
C ARG A 191 -9.32 36.24 6.77
N ILE A 192 -8.59 35.47 7.60
CA ILE A 192 -8.07 34.17 7.21
C ILE A 192 -8.25 33.20 8.37
N CYS A 193 -7.78 31.97 8.18
CA CYS A 193 -7.86 30.94 9.21
C CYS A 193 -6.70 29.96 9.09
N LEU A 194 -5.95 29.82 10.19
CA LEU A 194 -4.87 28.85 10.29
C LEU A 194 -4.86 28.31 11.72
N LEU A 195 -3.87 27.49 12.03
CA LEU A 195 -3.72 26.96 13.39
C LEU A 195 -3.07 28.02 14.28
N HIS A 196 -3.72 28.32 15.39
CA HIS A 196 -3.29 29.45 16.22
C HIS A 196 -1.88 29.22 16.76
N PRO A 197 -0.98 30.21 16.62
CA PRO A 197 0.32 30.08 17.29
C PRO A 197 0.21 30.25 18.80
N VAL A 198 -0.55 31.25 19.25
CA VAL A 198 -0.80 31.44 20.67
C VAL A 198 -1.85 30.42 21.11
N GLN A 199 -1.46 29.52 22.01
CA GLN A 199 -2.35 28.46 22.45
C GLN A 199 -2.45 28.46 23.98
N LYS A 200 -3.62 28.04 24.47
CA LYS A 200 -3.98 28.09 25.88
C LYS A 200 -3.42 26.92 26.69
N THR A 201 -3.50 25.69 26.18
CA THR A 201 -3.07 24.51 26.91
C THR A 201 -1.67 24.11 26.48
N ALA A 202 -0.85 23.65 27.43
CA ALA A 202 0.46 23.11 27.09
C ALA A 202 0.34 21.91 26.16
N PHE A 203 -0.81 21.21 26.21
CA PHE A 203 -1.10 20.15 25.25
C PHE A 203 -0.94 20.65 23.82
N MET A 204 -1.60 21.76 23.49
CA MET A 204 -1.60 22.26 22.13
C MET A 204 -0.28 22.95 21.77
N GLN A 205 0.35 23.62 22.73
CA GLN A 205 1.64 24.25 22.47
C GLN A 205 2.67 23.21 22.02
N PHE A 206 2.63 22.02 22.61
CA PHE A 206 3.46 20.92 22.11
C PHE A 206 3.06 20.53 20.70
N TYR A 207 1.75 20.32 20.49
CA TYR A 207 1.27 19.88 19.18
C TYR A 207 1.53 20.91 18.09
N ALA A 208 1.63 22.19 18.46
CA ALA A 208 1.78 23.24 17.47
C ALA A 208 3.09 23.09 16.70
N THR A 209 4.21 22.95 17.42
CA THR A 209 5.51 22.87 16.78
C THR A 209 5.74 21.51 16.14
N ALA A 210 5.43 20.44 16.86
CA ALA A 210 5.72 19.08 16.42
C ALA A 210 4.63 18.48 15.55
N LYS A 211 3.83 19.31 14.88
CA LYS A 211 2.76 18.78 14.05
C LYS A 211 3.30 18.20 12.74
N ASP A 212 4.29 18.85 12.14
CA ASP A 212 4.86 18.36 10.89
C ASP A 212 5.43 16.96 11.08
N TRP A 213 6.00 16.67 12.25
CA TRP A 213 6.44 15.32 12.53
C TRP A 213 5.26 14.42 12.86
N TRP A 214 4.37 14.86 13.74
CA TRP A 214 3.16 14.09 14.05
C TRP A 214 2.43 13.67 12.79
N LEU A 215 2.20 14.62 11.88
CA LEU A 215 1.58 14.28 10.61
C LEU A 215 2.43 13.30 9.80
N PHE A 216 3.75 13.47 9.86
CA PHE A 216 4.63 12.60 9.07
C PHE A 216 4.95 11.32 9.83
N SER A 217 5.37 11.44 11.10
CA SER A 217 5.77 10.26 11.86
C SER A 217 4.60 9.31 12.12
N PHE A 218 3.39 9.84 12.26
CA PHE A 218 2.26 8.94 12.34
C PHE A 218 1.80 8.61 10.92
N TYR A 219 0.96 9.47 10.34
CA TYR A 219 0.17 9.14 9.15
C TYR A 219 0.99 8.47 8.05
N PHE A 220 2.27 8.80 7.93
CA PHE A 220 3.08 8.16 6.91
C PHE A 220 3.91 6.99 7.43
N CYS A 221 4.53 7.13 8.59
CA CYS A 221 5.47 6.10 9.04
C CYS A 221 4.74 4.91 9.67
N LEU A 222 3.98 5.14 10.75
CA LEU A 222 3.32 4.03 11.42
C LEU A 222 2.40 3.24 10.50
N PRO A 223 1.45 3.85 9.78
CA PRO A 223 0.68 3.05 8.81
C PRO A 223 1.54 2.30 7.80
N LEU A 224 2.57 2.92 7.24
CA LEU A 224 3.38 2.22 6.25
C LEU A 224 4.32 1.21 6.89
N ALA A 225 4.83 1.51 8.09
CA ALA A 225 5.69 0.54 8.78
C ALA A 225 4.89 -0.69 9.18
N ILE A 226 3.69 -0.48 9.74
CA ILE A 226 2.88 -1.61 10.18
C ILE A 226 2.40 -2.44 9.00
N THR A 227 1.92 -1.79 7.95
CA THR A 227 1.34 -2.52 6.83
C THR A 227 2.40 -3.32 6.09
N ALA A 228 3.58 -2.72 5.85
CA ALA A 228 4.64 -3.44 5.16
C ALA A 228 5.13 -4.62 5.98
N PHE A 229 5.12 -4.50 7.31
CA PHE A 229 5.63 -5.56 8.16
C PHE A 229 4.76 -6.81 8.07
N PHE A 230 3.44 -6.64 8.18
CA PHE A 230 2.55 -7.79 8.10
C PHE A 230 2.46 -8.33 6.67
N TYR A 231 2.54 -7.44 5.67
CA TYR A 231 2.54 -7.93 4.29
C TYR A 231 3.74 -8.83 4.04
N THR A 232 4.90 -8.44 4.55
CA THR A 232 6.11 -9.25 4.38
C THR A 232 6.00 -10.56 5.16
N LEU A 233 5.54 -10.50 6.41
CA LEU A 233 5.31 -11.71 7.18
C LEU A 233 4.32 -12.64 6.47
N MET A 234 3.29 -12.06 5.86
CA MET A 234 2.27 -12.87 5.20
C MET A 234 2.79 -13.49 3.92
N THR A 235 3.49 -12.71 3.09
CA THR A 235 4.00 -13.23 1.83
C THR A 235 5.06 -14.28 2.05
N CYS A 236 5.94 -14.07 3.04
CA CYS A 236 6.93 -15.09 3.36
C CYS A 236 6.27 -16.36 3.87
N GLU A 237 5.11 -16.24 4.52
CA GLU A 237 4.36 -17.43 4.94
C GLU A 237 3.65 -18.10 3.77
N MET A 238 3.09 -17.30 2.86
CA MET A 238 2.47 -17.86 1.66
C MET A 238 3.46 -18.73 0.89
N LEU A 239 4.68 -18.22 0.70
CA LEU A 239 5.67 -18.97 -0.06
C LEU A 239 5.97 -20.31 0.59
N ARG A 240 6.17 -20.32 1.91
CA ARG A 240 6.45 -21.55 2.62
C ARG A 240 5.31 -22.54 2.46
N LYS A 241 4.07 -22.05 2.49
CA LYS A 241 2.94 -22.95 2.32
C LYS A 241 2.80 -23.41 0.88
N ASN A 242 3.18 -22.56 -0.09
CA ASN A 242 3.16 -23.01 -1.48
C ASN A 242 4.19 -24.09 -1.72
N ILE A 243 5.31 -24.06 -0.99
CA ILE A 243 6.29 -25.13 -1.11
C ILE A 243 5.73 -26.42 -0.51
N PHE A 244 5.09 -26.32 0.65
CA PHE A 244 4.39 -27.47 1.21
C PHE A 244 3.30 -27.95 0.26
N GLU A 245 2.63 -27.01 -0.41
CA GLU A 245 1.56 -27.37 -1.33
C GLU A 245 2.11 -28.14 -2.53
N MET A 246 3.18 -27.63 -3.15
CA MET A 246 3.73 -28.29 -4.33
C MET A 246 4.30 -29.66 -4.01
N LEU A 247 4.86 -29.85 -2.82
CA LEU A 247 5.41 -31.15 -2.46
C LEU A 247 4.31 -32.15 -2.12
N ARG A 248 3.20 -31.67 -1.56
CA ARG A 248 2.05 -32.54 -1.34
C ARG A 248 1.38 -32.92 -2.66
N ILE A 249 1.52 -32.07 -3.69
CA ILE A 249 0.92 -32.37 -4.99
C ILE A 249 1.69 -33.49 -5.69
N ASP A 250 3.02 -33.42 -5.67
CA ASP A 250 3.83 -34.36 -6.44
C ASP A 250 4.01 -35.71 -5.77
N GLU A 251 3.69 -35.83 -4.48
CA GLU A 251 3.83 -37.11 -3.79
C GLU A 251 2.59 -37.42 -2.94
N PHE A 264 5.17 -33.10 7.16
CA PHE A 264 6.59 -33.20 6.86
C PHE A 264 7.24 -31.81 6.70
N ASN A 265 6.84 -30.88 7.58
CA ASN A 265 7.45 -29.54 7.56
C ASN A 265 8.93 -29.60 7.94
N GLN A 266 9.27 -30.44 8.92
CA GLN A 266 10.67 -30.63 9.28
C GLN A 266 11.47 -31.24 8.14
N ASP A 267 10.80 -31.99 7.25
CA ASP A 267 11.49 -32.60 6.13
C ASP A 267 11.88 -31.55 5.09
N VAL A 268 11.06 -30.52 4.91
CA VAL A 268 11.36 -29.47 3.95
C VAL A 268 12.48 -28.59 4.47
N ASP A 269 12.51 -28.34 5.78
CA ASP A 269 13.59 -27.54 6.35
C ASP A 269 14.88 -28.34 6.43
N ALA A 270 14.79 -29.63 6.75
CA ALA A 270 15.98 -30.48 6.72
C ALA A 270 16.55 -30.57 5.32
N ALA A 271 15.69 -30.51 4.29
CA ALA A 271 16.18 -30.50 2.92
C ALA A 271 16.96 -29.22 2.63
N VAL A 272 16.42 -28.07 3.07
CA VAL A 272 17.14 -26.82 2.95
C VAL A 272 18.47 -26.89 3.71
N ARG A 273 18.41 -27.35 4.96
CA ARG A 273 19.62 -27.50 5.76
C ARG A 273 20.61 -28.45 5.10
N GLY A 274 20.10 -29.49 4.44
CA GLY A 274 20.97 -30.42 3.75
C GLY A 274 21.47 -29.92 2.42
N ILE A 275 20.68 -29.08 1.75
CA ILE A 275 21.14 -28.48 0.49
C ILE A 275 22.34 -27.58 0.74
N LEU A 276 22.30 -26.81 1.82
CA LEU A 276 23.42 -25.94 2.16
C LEU A 276 24.67 -26.75 2.50
N ARG A 277 24.50 -27.92 3.10
CA ARG A 277 25.67 -28.73 3.45
C ARG A 277 26.30 -29.40 2.23
N ASN A 278 25.48 -29.74 1.24
CA ASN A 278 26.01 -30.34 0.02
C ASN A 278 26.77 -29.28 -0.78
N ALA A 279 27.98 -29.61 -1.20
CA ALA A 279 28.88 -28.61 -1.77
C ALA A 279 28.51 -28.24 -3.21
N LYS A 280 27.98 -29.18 -3.99
CA LYS A 280 27.61 -28.89 -5.37
C LYS A 280 26.24 -28.24 -5.51
N LEU A 281 25.43 -28.25 -4.44
CA LEU A 281 24.09 -27.67 -4.48
C LEU A 281 24.01 -26.30 -3.85
N LYS A 282 24.85 -26.01 -2.85
CA LYS A 282 24.81 -24.71 -2.18
C LYS A 282 24.98 -23.53 -3.12
N PRO A 283 25.99 -23.48 -4.01
CA PRO A 283 26.17 -22.26 -4.81
C PRO A 283 25.01 -21.96 -5.75
N VAL A 284 24.53 -22.96 -6.48
CA VAL A 284 23.40 -22.72 -7.37
C VAL A 284 22.14 -22.44 -6.56
N TYR A 285 22.01 -23.03 -5.37
CA TYR A 285 20.84 -22.79 -4.54
C TYR A 285 20.77 -21.34 -4.09
N ASP A 286 21.89 -20.79 -3.62
CA ASP A 286 21.89 -19.42 -3.13
C ASP A 286 21.60 -18.43 -4.24
N SER A 287 21.90 -18.79 -5.49
CA SER A 287 21.66 -17.88 -6.61
C SER A 287 20.18 -17.83 -6.98
N LEU A 288 19.47 -18.96 -6.86
CA LEU A 288 18.11 -19.04 -7.34
C LEU A 288 17.17 -18.23 -6.46
N ASP A 289 16.04 -17.84 -7.05
CA ASP A 289 14.98 -17.17 -6.32
C ASP A 289 14.09 -18.19 -5.63
N ALA A 290 13.24 -17.70 -4.73
CA ALA A 290 12.44 -18.58 -3.87
C ALA A 290 11.60 -19.56 -4.67
N VAL A 291 11.08 -19.12 -5.82
CA VAL A 291 10.30 -20.01 -6.66
C VAL A 291 11.17 -21.13 -7.21
N ARG A 292 12.30 -20.77 -7.83
CA ARG A 292 13.20 -21.78 -8.37
C ARG A 292 13.87 -22.60 -7.28
N ARG A 293 14.13 -21.99 -6.12
CA ARG A 293 14.64 -22.77 -5.00
C ARG A 293 13.65 -23.86 -4.59
N ALA A 294 12.34 -23.60 -4.74
CA ALA A 294 11.35 -24.60 -4.39
C ALA A 294 11.41 -25.80 -5.33
N ALA A 295 11.49 -25.53 -6.64
CA ALA A 295 11.58 -26.63 -7.60
C ALA A 295 12.87 -27.43 -7.37
N LEU A 296 13.96 -26.75 -7.04
CA LEU A 296 15.17 -27.45 -6.65
C LEU A 296 14.94 -28.32 -5.43
N ILE A 297 14.24 -27.77 -4.42
CA ILE A 297 13.85 -28.56 -3.25
C ILE A 297 12.98 -29.73 -3.68
N ASN A 298 12.08 -29.50 -4.64
CA ASN A 298 11.26 -30.59 -5.17
C ASN A 298 12.12 -31.67 -5.78
N MET A 299 13.14 -31.28 -6.54
CA MET A 299 14.04 -32.25 -7.14
C MET A 299 14.81 -33.02 -6.07
N VAL A 300 15.16 -32.36 -4.97
CA VAL A 300 15.94 -33.01 -3.93
C VAL A 300 15.12 -34.07 -3.22
N PHE A 301 13.80 -33.88 -3.12
CA PHE A 301 12.96 -34.82 -2.41
C PHE A 301 12.81 -36.15 -3.15
N GLN A 302 13.10 -36.19 -4.44
CA GLN A 302 13.00 -37.44 -5.19
C GLN A 302 14.27 -38.27 -5.06
N MET A 303 15.41 -37.69 -5.44
CA MET A 303 16.64 -38.44 -5.64
C MET A 303 17.66 -38.25 -4.53
N GLY A 304 17.35 -37.45 -3.52
CA GLY A 304 18.32 -37.12 -2.51
C GLY A 304 19.34 -36.12 -3.04
N GLU A 305 20.20 -35.67 -2.13
CA GLU A 305 21.20 -34.68 -2.52
C GLU A 305 22.19 -35.29 -3.53
N THR A 306 22.62 -36.53 -3.29
CA THR A 306 23.59 -37.17 -4.17
C THR A 306 23.05 -37.31 -5.58
N GLY A 307 21.74 -37.56 -5.71
CA GLY A 307 21.16 -37.71 -7.03
C GLY A 307 21.04 -36.40 -7.78
N VAL A 308 20.65 -35.32 -7.09
CA VAL A 308 20.51 -34.04 -7.76
C VAL A 308 21.87 -33.46 -8.10
N ALA A 309 22.90 -33.77 -7.32
CA ALA A 309 24.23 -33.23 -7.56
C ALA A 309 24.86 -33.73 -8.87
N GLY A 310 24.23 -34.69 -9.56
CA GLY A 310 24.79 -35.21 -10.79
C GLY A 310 24.49 -34.37 -12.02
N PHE A 311 23.45 -33.53 -11.98
CA PHE A 311 23.09 -32.71 -13.12
C PHE A 311 24.03 -31.52 -13.25
N THR A 312 25.34 -31.77 -13.21
CA THR A 312 26.32 -30.69 -13.17
C THR A 312 26.18 -29.79 -14.41
N ASN A 313 25.85 -30.38 -15.55
CA ASN A 313 25.57 -29.56 -16.74
C ASN A 313 24.33 -28.71 -16.53
N SER A 314 23.26 -29.32 -16.01
CA SER A 314 22.02 -28.58 -15.80
C SER A 314 22.12 -27.60 -14.64
N LEU A 315 22.90 -27.95 -13.61
CA LEU A 315 23.05 -27.05 -12.47
C LEU A 315 23.86 -25.81 -12.85
N ARG A 316 24.87 -25.98 -13.70
CA ARG A 316 25.64 -24.82 -14.17
C ARG A 316 24.78 -23.91 -15.03
N MET A 317 23.85 -24.48 -15.80
CA MET A 317 22.98 -23.67 -16.65
C MET A 317 22.00 -22.86 -15.80
N LEU A 318 21.50 -23.45 -14.72
CA LEU A 318 20.61 -22.71 -13.83
C LEU A 318 21.33 -21.53 -13.18
N GLN A 319 22.59 -21.74 -12.78
CA GLN A 319 23.37 -20.67 -12.17
C GLN A 319 23.56 -19.52 -13.16
N GLN A 320 23.75 -19.83 -14.44
CA GLN A 320 23.95 -18.82 -15.47
C GLN A 320 22.63 -18.30 -16.03
N LYS A 321 21.49 -18.67 -15.42
CA LYS A 321 20.18 -18.13 -15.78
C LYS A 321 19.79 -18.42 -17.22
N ARG A 322 20.26 -19.55 -17.76
CA ARG A 322 19.86 -20.00 -19.10
C ARG A 322 18.70 -20.98 -18.93
N TRP A 323 17.51 -20.42 -18.73
CA TRP A 323 16.37 -21.21 -18.28
C TRP A 323 15.84 -22.12 -19.38
N ASP A 324 15.66 -21.58 -20.59
CA ASP A 324 15.15 -22.41 -21.69
C ASP A 324 16.11 -23.52 -22.04
N GLU A 325 17.42 -23.27 -21.90
CA GLU A 325 18.41 -24.30 -22.20
C GLU A 325 18.27 -25.49 -21.26
N ALA A 326 18.30 -25.23 -19.95
CA ALA A 326 18.21 -26.31 -18.98
C ALA A 326 16.86 -27.01 -19.06
N ALA A 327 15.79 -26.27 -19.40
CA ALA A 327 14.47 -26.87 -19.54
C ALA A 327 14.46 -27.91 -20.66
N VAL A 328 15.00 -27.55 -21.83
CA VAL A 328 15.16 -28.51 -22.91
C VAL A 328 16.22 -29.55 -22.52
N ASN A 329 17.18 -29.18 -21.68
CA ASN A 329 18.22 -30.11 -21.26
C ASN A 329 17.70 -31.08 -20.20
N LEU A 330 16.85 -30.60 -19.28
CA LEU A 330 16.26 -31.50 -18.28
C LEU A 330 15.26 -32.45 -18.91
N ALA A 331 14.64 -32.05 -20.02
CA ALA A 331 13.73 -32.96 -20.71
C ALA A 331 14.48 -34.16 -21.27
N LYS A 332 15.77 -33.99 -21.60
CA LYS A 332 16.59 -35.06 -22.15
C LYS A 332 17.05 -36.05 -21.08
N SER A 333 16.61 -35.89 -19.83
CA SER A 333 17.06 -36.71 -18.73
C SER A 333 16.19 -37.96 -18.57
N ARG A 334 16.77 -39.01 -17.97
CA ARG A 334 15.98 -40.19 -17.64
C ARG A 334 14.92 -39.87 -16.60
N TRP A 335 15.23 -38.94 -15.69
CA TRP A 335 14.25 -38.44 -14.72
C TRP A 335 12.91 -38.12 -15.37
N TYR A 336 12.92 -37.50 -16.55
CA TYR A 336 11.67 -37.25 -17.27
C TYR A 336 10.96 -38.54 -17.62
N ASN A 337 11.71 -39.56 -18.05
CA ASN A 337 11.06 -40.81 -18.47
C ASN A 337 10.43 -41.55 -17.30
N GLN A 338 11.07 -41.52 -16.13
CA GLN A 338 10.53 -42.23 -14.98
C GLN A 338 9.20 -41.63 -14.53
N THR A 339 9.11 -40.29 -14.52
CA THR A 339 7.90 -39.59 -14.09
C THR A 339 7.70 -38.37 -14.98
N PRO A 340 7.06 -38.55 -16.14
CA PRO A 340 6.92 -37.42 -17.07
C PRO A 340 6.04 -36.30 -16.55
N ASN A 341 4.89 -36.62 -15.95
CA ASN A 341 3.93 -35.58 -15.56
C ASN A 341 4.53 -34.64 -14.52
N ARG A 342 5.16 -35.21 -13.48
CA ARG A 342 5.71 -34.38 -12.42
C ARG A 342 6.89 -33.55 -12.92
N ALA A 343 7.73 -34.14 -13.77
CA ALA A 343 8.93 -33.44 -14.24
C ALA A 343 8.56 -32.22 -15.08
N LYS A 344 7.53 -32.36 -15.93
CA LYS A 344 7.09 -31.22 -16.74
C LYS A 344 6.78 -30.01 -15.88
N ARG A 345 6.12 -30.22 -14.74
CA ARG A 345 5.81 -29.11 -13.85
C ARG A 345 7.08 -28.51 -13.27
N VAL A 346 7.97 -29.35 -12.74
CA VAL A 346 9.22 -28.84 -12.16
C VAL A 346 10.04 -28.13 -13.22
N ILE A 347 10.11 -28.71 -14.43
CA ILE A 347 10.80 -28.04 -15.53
C ILE A 347 10.09 -26.74 -15.90
N THR A 348 8.76 -26.77 -15.93
CA THR A 348 8.00 -25.56 -16.22
C THR A 348 8.22 -24.51 -15.13
N THR A 349 8.34 -24.94 -13.88
CA THR A 349 8.61 -24.00 -12.79
C THR A 349 9.98 -23.37 -12.94
N PHE A 350 10.99 -24.18 -13.27
CA PHE A 350 12.33 -23.63 -13.53
C PHE A 350 12.32 -22.70 -14.74
N ARG A 351 11.54 -23.04 -15.77
CA ARG A 351 11.51 -22.19 -16.96
C ARG A 351 10.79 -20.89 -16.70
N THR A 352 9.60 -20.95 -16.10
CA THR A 352 8.74 -19.78 -15.98
C THR A 352 9.04 -18.95 -14.74
N GLY A 353 9.41 -19.57 -13.63
CA GLY A 353 9.62 -18.85 -12.40
C GLY A 353 8.36 -18.50 -11.65
N THR A 354 7.21 -19.02 -12.08
CA THR A 354 5.95 -18.81 -11.39
C THR A 354 5.19 -20.12 -11.37
N TRP A 355 4.27 -20.22 -10.44
CA TRP A 355 3.58 -21.47 -10.14
C TRP A 355 2.47 -21.80 -11.12
N ASP A 356 2.66 -21.52 -12.41
CA ASP A 356 1.61 -21.79 -13.39
C ASP A 356 1.27 -23.27 -13.45
N ALA A 357 2.28 -24.15 -13.40
CA ALA A 357 2.03 -25.58 -13.42
C ALA A 357 1.40 -26.07 -12.12
N TYR A 358 1.56 -25.32 -11.03
CA TYR A 358 1.03 -25.71 -9.72
C TYR A 358 -0.18 -24.89 -9.31
N LEU A 359 -0.83 -24.22 -10.26
CA LEU A 359 -1.99 -23.40 -9.95
C LEU A 359 -3.10 -24.25 -9.34
N ASN A 360 -3.68 -23.76 -8.24
CA ASN A 360 -4.79 -24.45 -7.59
C ASN A 360 -5.72 -23.40 -7.01
N ASP A 361 -6.53 -23.82 -6.03
CA ASP A 361 -7.42 -22.88 -5.33
C ASP A 361 -6.62 -21.95 -4.42
N HIS A 362 -5.67 -22.49 -3.66
CA HIS A 362 -4.90 -21.69 -2.74
C HIS A 362 -4.02 -20.69 -3.48
N LEU A 363 -3.23 -21.18 -4.44
CA LEU A 363 -2.23 -20.34 -5.09
C LEU A 363 -2.87 -19.17 -5.83
N LYS A 364 -4.08 -19.35 -6.35
CA LYS A 364 -4.82 -18.22 -6.91
C LYS A 364 -5.20 -17.22 -5.83
N GLN A 365 -5.71 -17.73 -4.70
CA GLN A 365 -6.13 -16.86 -3.62
C GLN A 365 -4.94 -16.15 -2.99
N ARG A 366 -3.85 -16.87 -2.75
CA ARG A 366 -2.68 -16.26 -2.14
C ARG A 366 -2.11 -15.15 -3.04
N ARG A 367 -2.12 -15.36 -4.35
CA ARG A 367 -1.64 -14.32 -5.26
C ARG A 367 -2.61 -13.15 -5.32
N GLU A 368 -3.91 -13.41 -5.20
CA GLU A 368 -4.90 -12.35 -5.29
C GLU A 368 -4.82 -11.41 -4.09
N VAL A 369 -4.80 -11.98 -2.87
CA VAL A 369 -4.73 -11.16 -1.67
C VAL A 369 -3.43 -10.34 -1.67
N ALA A 370 -2.30 -10.99 -1.96
CA ALA A 370 -1.01 -10.32 -1.89
C ALA A 370 -0.93 -9.16 -2.88
N LYS A 371 -1.49 -9.32 -4.08
CA LYS A 371 -1.43 -8.25 -5.07
C LYS A 371 -2.32 -7.08 -4.68
N THR A 372 -3.47 -7.36 -4.08
CA THR A 372 -4.38 -6.29 -3.69
C THR A 372 -3.80 -5.46 -2.54
N VAL A 373 -3.23 -6.13 -1.53
CA VAL A 373 -2.64 -5.41 -0.41
C VAL A 373 -1.43 -4.59 -0.86
N PHE A 374 -0.56 -5.23 -1.65
CA PHE A 374 0.65 -4.55 -2.11
C PHE A 374 0.32 -3.31 -2.92
N CYS A 375 -0.61 -3.43 -3.87
CA CYS A 375 -0.92 -2.30 -4.75
C CYS A 375 -1.54 -1.14 -3.98
N LEU A 376 -2.30 -1.43 -2.93
CA LEU A 376 -2.95 -0.36 -2.19
C LEU A 376 -1.94 0.45 -1.37
N VAL A 377 -0.95 -0.23 -0.78
CA VAL A 377 0.06 0.47 -0.01
C VAL A 377 0.97 1.29 -0.92
N LEU A 378 1.35 0.71 -2.06
CA LEU A 378 2.22 1.41 -3.00
C LEU A 378 1.56 2.69 -3.52
N VAL A 379 0.27 2.62 -3.84
CA VAL A 379 -0.46 3.83 -4.23
C VAL A 379 -0.39 4.88 -3.12
N PHE A 380 -0.58 4.46 -1.87
CA PHE A 380 -0.53 5.44 -0.79
C PHE A 380 0.87 6.03 -0.64
N ALA A 381 1.89 5.17 -0.57
CA ALA A 381 3.24 5.64 -0.29
C ALA A 381 3.71 6.65 -1.33
N LEU A 382 3.43 6.39 -2.60
CA LEU A 382 3.89 7.29 -3.66
C LEU A 382 3.14 8.62 -3.66
N CYS A 383 1.98 8.69 -3.02
CA CYS A 383 1.20 9.92 -3.04
C CYS A 383 1.42 10.78 -1.80
N TRP A 384 1.81 10.19 -0.68
CA TRP A 384 2.06 10.98 0.52
C TRP A 384 3.54 11.19 0.80
N LEU A 385 4.44 10.48 0.10
CA LEU A 385 5.86 10.81 0.21
C LEU A 385 6.16 12.20 -0.29
N PRO A 386 5.75 12.63 -1.49
CA PRO A 386 6.11 13.99 -1.94
C PRO A 386 5.66 15.09 -1.00
N LEU A 387 4.50 14.91 -0.37
CA LEU A 387 3.99 15.91 0.57
C LEU A 387 4.71 15.82 1.91
N HIS A 388 4.79 14.61 2.49
CA HIS A 388 5.47 14.44 3.77
C HIS A 388 6.94 14.79 3.67
N LEU A 389 7.56 14.52 2.50
CA LEU A 389 8.95 14.90 2.32
C LEU A 389 9.10 16.40 2.16
N ALA A 390 8.09 17.07 1.60
CA ALA A 390 8.11 18.53 1.53
C ALA A 390 8.18 19.14 2.92
N ARG A 391 7.45 18.57 3.87
CA ARG A 391 7.36 19.17 5.20
C ARG A 391 8.64 19.00 5.99
N ILE A 392 9.19 17.78 6.03
CA ILE A 392 10.38 17.55 6.82
C ILE A 392 11.59 18.25 6.21
N LEU A 393 11.57 18.50 4.91
CA LEU A 393 12.65 19.28 4.30
C LEU A 393 12.53 20.76 4.62
N LYS A 394 11.31 21.26 4.76
CA LYS A 394 11.13 22.69 5.08
C LYS A 394 11.48 22.96 6.53
N LEU A 395 11.16 22.03 7.44
CA LEU A 395 11.42 22.28 8.85
C LEU A 395 12.90 22.15 9.19
N THR A 396 13.57 21.16 8.59
CA THR A 396 14.94 20.87 8.99
C THR A 396 15.90 21.97 8.54
N LEU A 397 15.88 22.33 7.25
CA LEU A 397 16.82 23.31 6.68
C LEU A 397 16.05 24.41 5.96
N TYR A 398 15.65 25.43 6.72
CA TYR A 398 15.07 26.64 6.17
C TYR A 398 15.35 27.79 7.13
N ASN A 399 15.93 28.86 6.60
CA ASN A 399 16.21 30.05 7.38
C ASN A 399 16.09 31.28 6.48
N GLN A 400 15.61 32.38 7.06
CA GLN A 400 15.29 33.56 6.28
C GLN A 400 16.48 34.44 5.97
N ASN A 401 17.62 34.22 6.63
CA ASN A 401 18.75 35.14 6.51
C ASN A 401 19.33 35.12 5.11
N ASP A 402 19.53 33.93 4.54
CA ASP A 402 20.28 33.82 3.31
C ASP A 402 19.48 34.33 2.11
N PRO A 403 20.15 34.88 1.10
CA PRO A 403 19.47 35.28 -0.14
C PRO A 403 19.31 34.16 -1.15
N ASN A 404 20.02 33.04 -0.98
CA ASN A 404 19.82 31.87 -1.83
C ASN A 404 18.47 31.22 -1.60
N ARG A 405 17.62 31.82 -0.77
CA ARG A 405 16.28 31.29 -0.54
C ARG A 405 15.47 31.22 -1.83
N CYS A 406 15.50 32.29 -2.62
CA CYS A 406 14.58 32.38 -3.75
C CYS A 406 14.85 31.31 -4.81
N GLU A 407 16.03 30.68 -4.79
CA GLU A 407 16.21 29.43 -5.53
C GLU A 407 15.82 28.24 -4.67
N LEU A 408 16.10 28.31 -3.37
CA LEU A 408 15.72 27.25 -2.45
C LEU A 408 14.21 27.24 -2.21
N LEU A 409 13.64 28.40 -1.85
CA LEU A 409 12.21 28.51 -1.61
C LEU A 409 11.40 28.10 -2.83
N SER A 410 11.84 28.52 -4.03
CA SER A 410 11.14 28.13 -5.25
C SER A 410 11.09 26.61 -5.39
N PHE A 411 12.16 25.92 -4.98
CA PHE A 411 12.18 24.46 -5.06
C PHE A 411 11.24 23.84 -4.03
N LEU A 412 11.15 24.43 -2.83
CA LEU A 412 10.36 23.81 -1.77
C LEU A 412 8.86 24.02 -1.96
N LEU A 413 8.45 25.22 -2.38
CA LEU A 413 7.02 25.45 -2.59
C LEU A 413 6.49 24.65 -3.76
N VAL A 414 7.30 24.49 -4.82
CA VAL A 414 6.85 23.73 -5.98
C VAL A 414 6.60 22.27 -5.61
N LEU A 415 7.59 21.64 -4.96
CA LEU A 415 7.46 20.23 -4.60
C LEU A 415 6.34 20.02 -3.60
N ASP A 416 6.02 21.02 -2.79
CA ASP A 416 4.94 20.89 -1.82
C ASP A 416 3.58 20.93 -2.50
N TYR A 417 3.42 21.80 -3.49
CA TYR A 417 2.15 21.86 -4.23
C TYR A 417 1.88 20.56 -4.98
N ILE A 418 2.92 19.90 -5.51
CA ILE A 418 2.73 18.60 -6.14
C ILE A 418 2.29 17.57 -5.11
N GLY A 419 2.97 17.55 -3.96
CA GLY A 419 2.60 16.64 -2.89
C GLY A 419 1.14 16.77 -2.48
N ILE A 420 0.58 17.98 -2.58
CA ILE A 420 -0.85 18.15 -2.33
C ILE A 420 -1.66 17.44 -3.40
N ASN A 421 -1.26 17.59 -4.66
CA ASN A 421 -1.96 16.91 -5.75
C ASN A 421 -1.74 15.41 -5.69
N MET A 422 -0.57 14.97 -5.21
CA MET A 422 -0.35 13.55 -4.98
C MET A 422 -1.35 13.00 -3.97
N ALA A 423 -1.45 13.63 -2.81
CA ALA A 423 -2.33 13.15 -1.74
C ALA A 423 -3.79 13.15 -2.18
N SER A 424 -4.20 14.17 -2.94
CA SER A 424 -5.55 14.18 -3.47
C SER A 424 -5.74 13.09 -4.51
N LEU A 425 -4.70 12.81 -5.30
CA LEU A 425 -4.78 11.74 -6.29
C LEU A 425 -4.97 10.39 -5.62
N ASN A 426 -4.36 10.18 -4.45
CA ASN A 426 -4.54 8.93 -3.72
C ASN A 426 -6.01 8.69 -3.40
N SER A 427 -6.73 9.76 -3.03
CA SER A 427 -8.13 9.61 -2.64
C SER A 427 -8.99 9.11 -3.81
N CYS A 428 -8.57 9.37 -5.05
CA CYS A 428 -9.31 8.95 -6.22
C CYS A 428 -8.67 7.78 -6.98
N ALA A 429 -7.39 7.49 -6.75
CA ALA A 429 -6.69 6.44 -7.47
C ALA A 429 -6.72 5.10 -6.76
N ASN A 430 -7.34 5.02 -5.58
CA ASN A 430 -7.49 3.72 -4.93
C ASN A 430 -8.48 2.82 -5.65
N PRO A 431 -9.68 3.27 -6.03
CA PRO A 431 -10.61 2.33 -6.71
C PRO A 431 -10.09 1.84 -8.05
N ILE A 432 -9.40 2.70 -8.79
CA ILE A 432 -8.82 2.26 -10.06
C ILE A 432 -7.77 1.18 -9.83
N ALA A 433 -6.91 1.38 -8.81
CA ALA A 433 -5.81 0.46 -8.56
C ALA A 433 -6.29 -0.96 -8.33
N LEU A 434 -7.48 -1.13 -7.76
CA LEU A 434 -7.99 -2.47 -7.52
C LEU A 434 -8.39 -3.15 -8.83
N TYR A 435 -8.94 -2.40 -9.78
CA TYR A 435 -9.35 -3.02 -11.05
C TYR A 435 -8.14 -3.58 -11.79
N LEU A 436 -7.02 -2.86 -11.78
CA LEU A 436 -5.89 -3.19 -12.64
C LEU A 436 -5.09 -4.39 -12.13
N VAL A 437 -5.00 -4.57 -10.82
CA VAL A 437 -4.13 -5.57 -10.23
C VAL A 437 -4.92 -6.63 -9.44
N SER A 438 -6.24 -6.56 -9.43
CA SER A 438 -7.07 -7.59 -8.81
C SER A 438 -7.98 -8.20 -9.87
N LYS A 439 -7.83 -9.50 -10.10
CA LYS A 439 -8.74 -10.19 -11.02
C LYS A 439 -10.14 -10.26 -10.44
N ARG A 440 -10.25 -10.42 -9.11
CA ARG A 440 -11.56 -10.53 -8.49
C ARG A 440 -12.31 -9.19 -8.53
N PHE A 441 -11.60 -8.08 -8.37
CA PHE A 441 -12.25 -6.78 -8.45
C PHE A 441 -12.56 -6.40 -9.90
N LYS A 442 -11.66 -6.71 -10.83
CA LYS A 442 -11.91 -6.40 -12.24
C LYS A 442 -13.14 -7.13 -12.76
N ASN A 443 -13.41 -8.33 -12.24
CA ASN A 443 -14.59 -9.08 -12.64
C ASN A 443 -15.84 -8.57 -11.92
N ALA A 444 -15.71 -8.19 -10.65
CA ALA A 444 -16.85 -7.64 -9.91
C ALA A 444 -17.31 -6.31 -10.49
N PHE A 445 -16.38 -5.49 -10.97
CA PHE A 445 -16.77 -4.30 -11.73
C PHE A 445 -17.46 -4.68 -13.03
N LYS A 446 -16.91 -5.67 -13.75
CA LYS A 446 -17.52 -6.17 -14.97
C LYS A 446 -18.89 -6.81 -14.74
N SER A 447 -19.15 -7.32 -13.53
CA SER A 447 -20.48 -7.82 -13.23
C SER A 447 -21.47 -6.68 -13.03
N ALA A 448 -21.01 -5.55 -12.49
CA ALA A 448 -21.86 -4.37 -12.42
C ALA A 448 -22.01 -3.72 -13.80
N LEU A 449 -21.02 -3.89 -14.66
CA LEU A 449 -21.10 -3.36 -16.03
C LEU A 449 -22.28 -3.97 -16.77
N CYS A 450 -22.25 -5.28 -16.95
CA CYS A 450 -23.30 -5.99 -17.68
C CYS A 450 -24.58 -6.09 -16.85
#